data_5QIL
#
_entry.id   5QIL
#
_cell.length_a   41.600
_cell.length_b   76.980
_cell.length_c   89.080
_cell.angle_alpha   90.000
_cell.angle_beta   90.000
_cell.angle_gamma   90.000
#
_symmetry.space_group_name_H-M   'P 21 21 21'
#
loop_
_entity.id
_entity.type
_entity.pdbx_description
1 polymer 'TGF-beta receptor type-1'
2 non-polymer N-{4-[3-(6-methoxypyridin-3-yl)-1H-pyrrolo[3,2-b]pyridin-2-yl]pyridin-2-yl}acetamide
3 water water
#
_entity_poly.entity_id   1
_entity_poly.type   'polypeptide(L)'
_entity_poly.pdbx_seq_one_letter_code
;GHMTIARDIVLQESIGKGRFGEVWRGKWRGEEVAVKIFSSREERSWFREAEIYQTVMLRHENILGFIAADNKDNGTWTQL
WLVSDYHEHGSLFDYLNRYTVTVEGMIKLALSTASGLAHLHMEIVGTQGKPAIAHRDLKSKNILVKKNGTCCIADLGLAV
RHDSATDTIDIAPNHRVGTKRYMAPEVLDDSINMKHFESFKRADIYAMGLVFWEIARRCSIGGIHEDYQLPYYDLVPSDP
SVEEMRKVVCEQKLRPNIPNRWQSCEALRVMAKIMRECWYANGAARLTALRIKKTLSQLSQQEGIKM
;
_entity_poly.pdbx_strand_id   A
#
# COMPACT_ATOMS: atom_id res chain seq x y z
N GLY A 1 -18.51 24.94 10.55
CA GLY A 1 -17.59 25.23 11.64
C GLY A 1 -16.14 25.23 11.21
N HIS A 2 -15.27 24.53 11.95
CA HIS A 2 -13.84 24.41 11.63
C HIS A 2 -13.48 23.00 11.12
N MET A 3 -14.30 21.99 11.46
CA MET A 3 -14.01 20.64 10.97
C MET A 3 -14.44 20.54 9.51
N THR A 4 -13.72 19.74 8.70
CA THR A 4 -14.06 19.51 7.31
C THR A 4 -15.24 18.52 7.25
N ILE A 5 -16.31 18.93 6.57
CA ILE A 5 -17.53 18.14 6.39
C ILE A 5 -17.97 18.14 4.92
N ALA A 6 -18.67 17.07 4.51
CA ALA A 6 -19.13 16.80 3.15
C ALA A 6 -19.96 17.93 2.54
N ARG A 7 -20.87 18.54 3.34
CA ARG A 7 -21.75 19.61 2.86
C ARG A 7 -20.99 20.84 2.33
N ASP A 8 -19.74 21.06 2.82
CA ASP A 8 -18.90 22.21 2.43
C ASP A 8 -17.87 21.80 1.36
N ILE A 9 -18.03 20.63 0.74
CA ILE A 9 -17.08 20.18 -0.29
C ILE A 9 -17.77 20.16 -1.64
N VAL A 10 -17.11 20.71 -2.67
CA VAL A 10 -17.65 20.75 -4.05
C VAL A 10 -16.75 19.85 -4.90
N LEU A 11 -17.34 18.84 -5.51
CA LEU A 11 -16.54 17.94 -6.36
C LEU A 11 -16.23 18.62 -7.70
N GLN A 12 -15.02 18.41 -8.22
CA GLN A 12 -14.53 19.08 -9.43
C GLN A 12 -14.18 18.17 -10.58
N GLU A 13 -13.59 16.98 -10.26
CA GLU A 13 -13.01 16.10 -11.27
C GLU A 13 -12.96 14.63 -10.81
N SER A 14 -13.37 13.68 -11.67
CA SER A 14 -13.27 12.22 -11.39
C SER A 14 -11.78 11.85 -11.47
N ILE A 15 -11.21 11.17 -10.46
CA ILE A 15 -9.76 10.93 -10.51
C ILE A 15 -9.36 9.46 -10.36
N GLY A 16 -10.33 8.60 -10.14
CA GLY A 16 -10.07 7.17 -9.95
C GLY A 16 -11.24 6.39 -9.40
N LYS A 17 -11.01 5.10 -9.17
CA LYS A 17 -11.99 4.16 -8.62
C LYS A 17 -11.26 3.04 -7.88
N GLY A 18 -11.73 2.74 -6.66
CA GLY A 18 -11.21 1.63 -5.86
C GLY A 18 -12.02 0.39 -6.18
N ARG A 19 -12.09 -0.59 -5.26
CA ARG A 19 -12.89 -1.81 -5.47
C ARG A 19 -14.35 -1.41 -5.56
N PHE A 20 -14.79 -0.47 -4.70
CA PHE A 20 -16.16 0.03 -4.66
C PHE A 20 -16.25 1.54 -4.78
N GLY A 21 -15.51 2.27 -3.96
CA GLY A 21 -15.53 3.72 -3.93
C GLY A 21 -15.08 4.38 -5.22
N GLU A 22 -15.79 5.43 -5.62
CA GLU A 22 -15.47 6.26 -6.81
C GLU A 22 -14.76 7.50 -6.29
N VAL A 23 -13.56 7.80 -6.83
CA VAL A 23 -12.68 8.85 -6.34
C VAL A 23 -12.80 10.16 -7.10
N TRP A 24 -12.88 11.26 -6.38
CA TRP A 24 -13.00 12.60 -6.95
C TRP A 24 -12.05 13.55 -6.30
N ARG A 25 -11.68 14.59 -7.04
CA ARG A 25 -10.95 15.74 -6.51
C ARG A 25 -12.04 16.76 -6.20
N GLY A 26 -11.98 17.33 -5.00
CA GLY A 26 -12.95 18.32 -4.55
C GLY A 26 -12.31 19.50 -3.86
N LYS A 27 -13.12 20.54 -3.64
CA LYS A 27 -12.66 21.77 -3.04
C LYS A 27 -13.42 22.05 -1.77
N TRP A 28 -12.66 22.24 -0.70
CA TRP A 28 -13.13 22.53 0.65
C TRP A 28 -12.42 23.81 1.11
N ARG A 29 -13.19 24.90 1.26
CA ARG A 29 -12.72 26.23 1.69
C ARG A 29 -11.43 26.66 0.95
N GLY A 30 -11.47 26.58 -0.37
CA GLY A 30 -10.37 26.91 -1.27
C GLY A 30 -9.36 25.79 -1.55
N GLU A 31 -9.21 24.87 -0.58
CA GLU A 31 -8.24 23.78 -0.59
C GLU A 31 -8.71 22.50 -1.30
N GLU A 32 -7.80 21.88 -2.03
CA GLU A 32 -8.06 20.62 -2.74
C GLU A 32 -8.04 19.45 -1.74
N VAL A 33 -9.02 18.54 -1.82
CA VAL A 33 -9.18 17.33 -1.00
C VAL A 33 -9.57 16.17 -1.96
N ALA A 34 -9.32 14.91 -1.56
CA ALA A 34 -9.71 13.75 -2.36
C ALA A 34 -10.90 13.16 -1.64
N VAL A 35 -11.87 12.71 -2.39
CA VAL A 35 -13.12 12.20 -1.86
C VAL A 35 -13.41 10.84 -2.46
N LYS A 36 -13.68 9.86 -1.61
CA LYS A 36 -14.04 8.51 -2.06
C LYS A 36 -15.51 8.31 -1.73
N ILE A 37 -16.33 8.05 -2.78
CA ILE A 37 -17.78 7.96 -2.61
C ILE A 37 -18.29 6.55 -2.78
N PHE A 38 -19.09 6.10 -1.81
CA PHE A 38 -19.71 4.80 -1.79
C PHE A 38 -21.23 4.98 -1.80
N SER A 39 -21.95 4.01 -2.38
CA SER A 39 -23.40 4.06 -2.33
C SER A 39 -23.86 3.40 -1.01
N SER A 40 -25.14 3.56 -0.65
CA SER A 40 -25.78 2.97 0.56
C SER A 40 -25.57 1.45 0.64
N ARG A 41 -25.58 0.77 -0.52
CA ARG A 41 -25.36 -0.68 -0.53
C ARG A 41 -23.90 -1.07 -0.25
N GLU A 42 -22.96 -0.11 -0.39
CA GLU A 42 -21.54 -0.37 -0.08
C GLU A 42 -21.16 0.16 1.33
N GLU A 43 -22.16 0.31 2.22
CA GLU A 43 -21.98 0.82 3.60
C GLU A 43 -20.90 0.03 4.39
N ARG A 44 -20.85 -1.30 4.24
CA ARG A 44 -19.88 -2.12 4.99
C ARG A 44 -18.43 -1.79 4.63
N SER A 45 -18.16 -1.59 3.32
CA SER A 45 -16.83 -1.24 2.82
C SER A 45 -16.45 0.16 3.27
N TRP A 46 -17.40 1.12 3.20
CA TRP A 46 -17.16 2.52 3.60
C TRP A 46 -16.88 2.55 5.11
N PHE A 47 -17.75 1.88 5.89
CA PHE A 47 -17.62 1.82 7.35
C PHE A 47 -16.29 1.21 7.76
N ARG A 48 -15.92 0.08 7.14
CA ARG A 48 -14.67 -0.60 7.51
C ARG A 48 -13.44 0.31 7.29
N GLU A 49 -13.36 0.98 6.15
CA GLU A 49 -12.25 1.88 5.85
C GLU A 49 -12.21 3.06 6.82
N ALA A 50 -13.37 3.64 7.12
CA ALA A 50 -13.51 4.75 8.08
C ALA A 50 -13.04 4.27 9.45
N GLU A 51 -13.42 3.05 9.84
CA GLU A 51 -13.03 2.42 11.12
C GLU A 51 -11.51 2.29 11.22
N ILE A 52 -10.86 1.76 10.17
CA ILE A 52 -9.39 1.64 10.19
C ILE A 52 -8.72 3.01 10.29
N TYR A 53 -9.17 4.00 9.46
CA TYR A 53 -8.54 5.33 9.50
C TYR A 53 -8.69 6.06 10.83
N GLN A 54 -9.73 5.72 11.58
CA GLN A 54 -9.98 6.37 12.87
C GLN A 54 -9.31 5.66 14.04
N THR A 55 -8.47 4.63 13.76
CA THR A 55 -7.72 3.92 14.82
C THR A 55 -6.89 4.95 15.58
N VAL A 56 -6.84 4.83 16.90
CA VAL A 56 -6.02 5.72 17.72
C VAL A 56 -4.55 5.63 17.28
N MET A 57 -3.87 6.79 17.19
CA MET A 57 -2.45 6.96 16.90
C MET A 57 -2.03 6.46 15.49
N LEU A 58 -2.99 6.31 14.55
CA LEU A 58 -2.66 5.85 13.19
C LEU A 58 -1.86 6.85 12.35
N ARG A 59 -2.13 8.16 12.51
CA ARG A 59 -1.50 9.21 11.69
C ARG A 59 0.00 9.10 11.69
N HIS A 60 0.58 9.25 10.49
CA HIS A 60 2.02 9.11 10.22
C HIS A 60 2.25 9.75 8.85
N GLU A 61 3.43 10.37 8.66
CA GLU A 61 3.70 11.06 7.38
C GLU A 61 3.63 10.11 6.16
N ASN A 62 3.74 8.79 6.39
CA ASN A 62 3.70 7.80 5.32
C ASN A 62 2.41 6.99 5.27
N ILE A 63 1.32 7.51 5.86
CA ILE A 63 -0.03 6.94 5.78
C ILE A 63 -0.88 8.11 5.28
N LEU A 64 -1.74 7.89 4.27
CA LEU A 64 -2.61 8.93 3.71
C LEU A 64 -3.37 9.64 4.85
N GLY A 65 -3.32 10.97 4.83
CA GLY A 65 -3.95 11.84 5.83
C GLY A 65 -5.46 11.74 5.73
N PHE A 66 -6.09 11.16 6.74
CA PHE A 66 -7.55 11.01 6.73
C PHE A 66 -8.20 12.28 7.25
N ILE A 67 -9.31 12.71 6.63
CA ILE A 67 -9.95 13.96 7.06
C ILE A 67 -11.29 13.67 7.70
N ALA A 68 -12.15 12.86 7.03
CA ALA A 68 -13.47 12.57 7.60
C ALA A 68 -14.22 11.47 6.88
N ALA A 69 -15.17 10.86 7.60
CA ALA A 69 -16.17 9.94 7.07
C ALA A 69 -17.44 10.79 7.24
N ASP A 70 -18.26 10.91 6.20
CA ASP A 70 -19.45 11.73 6.31
C ASP A 70 -20.54 11.15 5.41
N ASN A 71 -21.78 11.64 5.55
CA ASN A 71 -22.88 11.27 4.66
C ASN A 71 -23.27 12.55 3.93
N LYS A 72 -23.74 12.43 2.69
CA LYS A 72 -24.27 13.58 1.94
C LYS A 72 -25.57 13.18 1.24
N ASP A 73 -26.69 13.75 1.68
CA ASP A 73 -28.01 13.45 1.05
C ASP A 73 -28.26 14.56 0.02
N ASN A 74 -28.37 14.17 -1.27
CA ASN A 74 -28.58 15.13 -2.34
C ASN A 74 -30.05 15.47 -2.54
N GLY A 75 -30.91 14.82 -1.76
CA GLY A 75 -32.36 14.96 -1.84
C GLY A 75 -33.04 13.76 -2.49
N THR A 76 -32.27 12.84 -3.09
CA THR A 76 -32.82 11.62 -3.71
C THR A 76 -32.20 10.39 -3.07
N TRP A 77 -30.86 10.39 -2.96
CA TRP A 77 -30.13 9.31 -2.34
C TRP A 77 -29.02 9.83 -1.48
N THR A 78 -28.50 8.96 -0.57
CA THR A 78 -27.40 9.32 0.28
C THR A 78 -26.11 8.72 -0.23
N GLN A 79 -25.07 9.54 -0.27
CA GLN A 79 -23.72 9.14 -0.64
C GLN A 79 -22.93 8.98 0.66
N LEU A 80 -22.05 7.97 0.71
CA LEU A 80 -21.19 7.73 1.87
C LEU A 80 -19.78 8.14 1.49
N TRP A 81 -19.27 9.16 2.18
CA TRP A 81 -18.01 9.77 1.82
C TRP A 81 -16.81 9.49 2.72
N LEU A 82 -15.63 9.33 2.11
CA LEU A 82 -14.35 9.30 2.81
C LEU A 82 -13.55 10.46 2.21
N VAL A 83 -12.95 11.29 3.05
CA VAL A 83 -12.23 12.48 2.61
C VAL A 83 -10.81 12.40 3.12
N SER A 84 -9.83 12.74 2.26
CA SER A 84 -8.41 12.68 2.60
C SER A 84 -7.67 13.84 2.02
N ASP A 85 -6.38 13.94 2.36
CA ASP A 85 -5.48 14.89 1.72
C ASP A 85 -5.44 14.52 0.23
N TYR A 86 -5.25 15.52 -0.65
CA TYR A 86 -5.15 15.32 -2.10
C TYR A 86 -3.67 15.36 -2.45
N HIS A 87 -3.20 14.42 -3.27
CA HIS A 87 -1.80 14.42 -3.73
C HIS A 87 -1.82 14.51 -5.24
N GLU A 88 -1.31 15.62 -5.78
CA GLU A 88 -1.29 15.90 -7.24
C GLU A 88 -0.66 14.79 -8.08
N HIS A 89 0.42 14.12 -7.60
CA HIS A 89 1.04 13.02 -8.34
C HIS A 89 0.19 11.75 -8.46
N GLY A 90 -0.81 11.60 -7.60
CA GLY A 90 -1.60 10.38 -7.59
C GLY A 90 -0.78 9.20 -7.07
N SER A 91 -1.08 8.01 -7.56
CA SER A 91 -0.44 6.80 -7.07
C SER A 91 1.05 6.67 -7.46
N LEU A 92 1.75 5.77 -6.77
CA LEU A 92 3.13 5.39 -7.06
C LEU A 92 3.13 4.73 -8.47
N PHE A 93 2.05 3.97 -8.78
CA PHE A 93 1.89 3.39 -10.13
C PHE A 93 1.89 4.51 -11.19
N ASP A 94 1.06 5.56 -11.02
CA ASP A 94 1.04 6.64 -12.00
C ASP A 94 2.39 7.35 -12.12
N TYR A 95 3.02 7.64 -10.98
CA TYR A 95 4.29 8.36 -10.87
C TYR A 95 5.42 7.63 -11.61
N LEU A 96 5.48 6.31 -11.42
CA LEU A 96 6.48 5.43 -12.02
C LEU A 96 6.26 5.26 -13.52
N ASN A 97 5.00 5.37 -13.98
CA ASN A 97 4.74 5.29 -15.40
C ASN A 97 5.24 6.58 -16.08
N ARG A 98 5.09 7.71 -15.41
CA ARG A 98 5.49 9.02 -15.94
C ARG A 98 6.97 9.33 -15.85
N TYR A 99 7.60 9.01 -14.73
CA TYR A 99 8.98 9.44 -14.51
C TYR A 99 9.94 8.35 -14.19
N THR A 100 11.22 8.69 -14.30
CA THR A 100 12.30 7.88 -13.82
C THR A 100 12.71 8.61 -12.55
N VAL A 101 13.47 7.97 -11.69
CA VAL A 101 13.94 8.53 -10.44
C VAL A 101 15.46 8.44 -10.36
N THR A 102 16.07 9.26 -9.52
CA THR A 102 17.50 9.23 -9.24
C THR A 102 17.69 8.17 -8.15
N VAL A 103 18.94 7.88 -7.75
CA VAL A 103 19.24 6.95 -6.66
C VAL A 103 18.53 7.47 -5.38
N GLU A 104 18.63 8.80 -5.13
CA GLU A 104 18.02 9.52 -4.00
C GLU A 104 16.48 9.39 -4.01
N GLY A 105 15.90 9.55 -5.19
CA GLY A 105 14.46 9.46 -5.43
C GLY A 105 13.97 8.07 -5.08
N MET A 106 14.67 7.05 -5.58
CA MET A 106 14.35 5.64 -5.31
C MET A 106 14.35 5.37 -3.80
N ILE A 107 15.44 5.75 -3.10
CA ILE A 107 15.60 5.51 -1.67
C ILE A 107 14.48 6.22 -0.91
N LYS A 108 14.11 7.45 -1.30
CA LYS A 108 13.03 8.20 -0.65
C LYS A 108 11.72 7.47 -0.76
N LEU A 109 11.42 6.91 -1.94
CA LEU A 109 10.16 6.20 -2.20
C LEU A 109 10.07 4.90 -1.42
N ALA A 110 11.15 4.10 -1.43
CA ALA A 110 11.25 2.80 -0.75
C ALA A 110 11.27 3.01 0.76
N LEU A 111 12.09 3.97 1.27
CA LEU A 111 12.15 4.23 2.70
C LEU A 111 10.80 4.73 3.23
N SER A 112 10.19 5.73 2.57
CA SER A 112 8.88 6.23 3.03
C SER A 112 7.83 5.11 3.00
N THR A 113 7.84 4.23 1.95
CA THR A 113 6.90 3.09 1.92
C THR A 113 7.18 2.13 3.09
N ALA A 114 8.48 1.79 3.35
CA ALA A 114 8.86 0.88 4.45
C ALA A 114 8.51 1.49 5.83
N SER A 115 8.61 2.84 5.98
CA SER A 115 8.25 3.52 7.23
C SER A 115 6.73 3.49 7.54
N GLY A 116 5.91 3.72 6.52
CA GLY A 116 4.45 3.67 6.64
C GLY A 116 3.97 2.27 7.00
N LEU A 117 4.56 1.24 6.34
CA LEU A 117 4.24 -0.14 6.65
C LEU A 117 4.68 -0.53 8.07
N ALA A 118 5.91 -0.14 8.49
CA ALA A 118 6.41 -0.41 9.84
C ALA A 118 5.47 0.23 10.88
N HIS A 119 4.99 1.45 10.63
CA HIS A 119 4.03 2.12 11.50
C HIS A 119 2.70 1.37 11.58
N LEU A 120 2.13 0.94 10.44
CA LEU A 120 0.89 0.15 10.45
C LEU A 120 1.07 -1.14 11.25
N HIS A 121 2.18 -1.87 10.98
CA HIS A 121 2.47 -3.17 11.58
C HIS A 121 2.78 -3.10 13.09
N MET A 122 3.35 -1.99 13.56
CA MET A 122 3.76 -1.75 14.94
C MET A 122 2.61 -1.48 15.90
N GLU A 123 2.55 -2.22 16.99
CA GLU A 123 1.63 -1.93 18.08
C GLU A 123 2.30 -0.79 18.88
N ILE A 124 1.54 0.23 19.26
CA ILE A 124 2.07 1.34 20.08
C ILE A 124 1.38 1.13 21.41
N VAL A 125 2.14 0.75 22.43
CA VAL A 125 1.50 0.48 23.71
C VAL A 125 1.53 1.77 24.57
N GLY A 126 0.40 2.07 25.20
CA GLY A 126 0.20 3.25 26.02
C GLY A 126 -1.27 3.51 26.25
N THR A 127 -1.61 4.59 26.97
CA THR A 127 -3.03 4.88 27.24
C THR A 127 -3.77 5.18 25.93
N GLN A 128 -3.12 5.82 24.97
CA GLN A 128 -3.69 6.08 23.63
C GLN A 128 -2.97 5.06 22.74
N GLY A 129 -3.30 3.79 22.90
CA GLY A 129 -2.64 2.70 22.21
C GLY A 129 -3.08 2.43 20.78
N LYS A 130 -2.14 1.94 19.98
CA LYS A 130 -2.44 1.61 18.60
C LYS A 130 -2.27 0.09 18.38
N PRO A 131 -3.31 -0.65 17.91
CA PRO A 131 -3.12 -2.08 17.62
C PRO A 131 -2.23 -2.24 16.40
N ALA A 132 -1.64 -3.42 16.24
CA ALA A 132 -0.88 -3.79 15.05
C ALA A 132 -1.93 -3.92 13.94
N ILE A 133 -1.59 -3.47 12.71
CA ILE A 133 -2.49 -3.49 11.56
C ILE A 133 -1.76 -4.08 10.33
N ALA A 134 -2.41 -5.04 9.63
CA ALA A 134 -1.86 -5.56 8.39
C ALA A 134 -2.76 -5.04 7.26
N HIS A 135 -2.16 -4.60 6.15
CA HIS A 135 -2.89 -3.93 5.03
C HIS A 135 -3.75 -4.90 4.17
N ARG A 136 -3.16 -6.05 3.75
CA ARG A 136 -3.75 -7.12 2.93
CA ARG A 136 -3.80 -7.11 2.94
C ARG A 136 -3.96 -6.74 1.45
N ASP A 137 -3.60 -5.49 1.04
CA ASP A 137 -3.73 -5.11 -0.38
C ASP A 137 -2.67 -4.10 -0.83
N LEU A 138 -1.43 -4.25 -0.34
CA LEU A 138 -0.37 -3.34 -0.73
C LEU A 138 0.02 -3.54 -2.21
N LYS A 139 0.16 -2.42 -2.93
CA LYS A 139 0.51 -2.41 -4.35
C LYS A 139 0.79 -0.99 -4.72
N SER A 140 1.47 -0.79 -5.85
CA SER A 140 1.83 0.56 -6.30
C SER A 140 0.61 1.45 -6.57
N LYS A 141 -0.57 0.85 -6.88
CA LYS A 141 -1.78 1.65 -7.11
C LYS A 141 -2.40 2.12 -5.80
N ASN A 142 -1.96 1.53 -4.68
CA ASN A 142 -2.47 1.81 -3.34
C ASN A 142 -1.54 2.65 -2.47
N ILE A 143 -0.56 3.25 -3.12
CA ILE A 143 0.43 4.09 -2.46
C ILE A 143 0.37 5.40 -3.23
N LEU A 144 0.35 6.54 -2.55
CA LEU A 144 0.32 7.85 -3.23
C LEU A 144 1.65 8.53 -3.05
N VAL A 145 2.05 9.36 -4.00
CA VAL A 145 3.33 10.09 -3.98
C VAL A 145 3.03 11.56 -3.69
N LYS A 146 3.66 12.10 -2.62
CA LYS A 146 3.50 13.49 -2.19
C LYS A 146 4.40 14.39 -3.03
N LYS A 147 4.17 15.73 -2.97
CA LYS A 147 4.98 16.72 -3.70
C LYS A 147 6.47 16.65 -3.34
N ASN A 148 6.81 16.32 -2.08
CA ASN A 148 8.19 16.20 -1.60
C ASN A 148 8.90 14.88 -2.03
N GLY A 149 8.24 14.06 -2.84
CA GLY A 149 8.82 12.81 -3.35
C GLY A 149 8.77 11.61 -2.45
N THR A 150 8.03 11.70 -1.32
CA THR A 150 7.88 10.58 -0.37
C THR A 150 6.49 9.95 -0.59
N CYS A 151 6.32 8.70 -0.15
CA CYS A 151 5.10 7.90 -0.31
C CYS A 151 4.19 7.92 0.90
N CYS A 152 2.90 7.65 0.67
CA CYS A 152 1.97 7.39 1.74
C CYS A 152 1.01 6.29 1.33
N ILE A 153 0.85 5.33 2.25
CA ILE A 153 0.05 4.16 1.98
C ILE A 153 -1.39 4.53 2.19
N ALA A 154 -2.28 4.04 1.30
CA ALA A 154 -3.69 4.34 1.31
C ALA A 154 -4.51 3.05 1.13
N ASP A 155 -5.85 3.17 0.99
CA ASP A 155 -6.80 2.06 0.72
C ASP A 155 -6.67 0.97 1.75
N LEU A 156 -7.08 1.33 2.95
CA LEU A 156 -6.99 0.51 4.15
C LEU A 156 -8.27 -0.29 4.44
N GLY A 157 -9.20 -0.32 3.48
CA GLY A 157 -10.47 -1.03 3.59
C GLY A 157 -10.40 -2.53 3.83
N LEU A 158 -9.31 -3.17 3.41
CA LEU A 158 -9.14 -4.62 3.61
C LEU A 158 -8.26 -4.96 4.80
N ALA A 159 -7.79 -3.96 5.57
CA ALA A 159 -6.90 -4.15 6.71
C ALA A 159 -7.51 -4.98 7.83
N VAL A 160 -6.63 -5.58 8.63
CA VAL A 160 -6.99 -6.39 9.81
C VAL A 160 -6.25 -5.82 11.04
N ARG A 161 -6.95 -5.71 12.18
CA ARG A 161 -6.32 -5.15 13.40
C ARG A 161 -6.17 -6.25 14.43
N HIS A 162 -5.07 -6.21 15.15
CA HIS A 162 -4.77 -7.27 16.13
C HIS A 162 -4.63 -6.76 17.56
N ASP A 163 -5.17 -7.51 18.53
CA ASP A 163 -5.01 -7.20 19.96
C ASP A 163 -4.04 -8.27 20.46
N SER A 164 -2.81 -7.88 20.81
CA SER A 164 -1.76 -8.81 21.26
C SER A 164 -2.05 -9.53 22.57
N ALA A 165 -2.74 -8.87 23.51
CA ALA A 165 -3.06 -9.41 24.84
C ALA A 165 -3.97 -10.62 24.80
N THR A 166 -5.14 -10.51 24.14
CA THR A 166 -6.09 -11.61 23.98
C THR A 166 -5.80 -12.44 22.71
N ASP A 167 -4.78 -12.04 21.90
CA ASP A 167 -4.38 -12.68 20.63
C ASP A 167 -5.53 -12.79 19.60
N THR A 168 -6.34 -11.74 19.46
CA THR A 168 -7.46 -11.79 18.52
C THR A 168 -7.39 -10.71 17.42
N ILE A 169 -7.99 -11.05 16.26
CA ILE A 169 -8.14 -10.20 15.07
C ILE A 169 -9.55 -9.60 15.18
N ASP A 170 -9.72 -8.32 14.77
CA ASP A 170 -11.00 -7.62 14.90
C ASP A 170 -12.10 -8.03 13.89
N ILE A 171 -11.75 -8.79 12.85
CA ILE A 171 -12.73 -9.30 11.85
C ILE A 171 -12.44 -10.77 11.53
N ALA A 172 -13.43 -11.46 10.94
CA ALA A 172 -13.34 -12.84 10.45
C ALA A 172 -12.84 -12.66 9.01
N PRO A 173 -11.52 -12.81 8.74
CA PRO A 173 -11.02 -12.52 7.39
C PRO A 173 -11.34 -13.58 6.35
N ASN A 174 -11.68 -13.11 5.15
CA ASN A 174 -11.95 -13.95 3.98
C ASN A 174 -10.61 -14.27 3.33
N HIS A 175 -10.57 -15.36 2.55
CA HIS A 175 -9.36 -15.77 1.86
C HIS A 175 -9.24 -15.05 0.53
N ARG A 176 -7.99 -14.83 0.08
CA ARG A 176 -7.64 -14.22 -1.20
C ARG A 176 -8.46 -12.92 -1.50
N VAL A 177 -8.35 -11.90 -0.61
CA VAL A 177 -9.11 -10.64 -0.73
C VAL A 177 -8.48 -9.56 -1.64
N GLY A 178 -7.16 -9.50 -1.70
CA GLY A 178 -6.45 -8.44 -2.42
C GLY A 178 -6.33 -8.58 -3.92
N THR A 179 -5.25 -8.00 -4.47
CA THR A 179 -4.92 -7.97 -5.88
C THR A 179 -4.15 -9.23 -6.20
N LYS A 180 -4.68 -10.05 -7.10
CA LYS A 180 -4.11 -11.35 -7.44
C LYS A 180 -2.64 -11.30 -7.81
N ARG A 181 -2.23 -10.33 -8.64
CA ARG A 181 -0.80 -10.20 -9.01
C ARG A 181 0.16 -10.08 -7.82
N TYR A 182 -0.28 -9.44 -6.73
CA TYR A 182 0.57 -9.15 -5.55
C TYR A 182 0.40 -10.11 -4.38
N MET A 183 -0.47 -11.10 -4.54
CA MET A 183 -0.75 -12.11 -3.53
C MET A 183 0.49 -12.93 -3.23
N ALA A 184 0.81 -13.07 -1.94
CA ALA A 184 1.97 -13.86 -1.48
C ALA A 184 1.78 -15.34 -1.83
N PRO A 185 2.88 -16.14 -1.96
CA PRO A 185 2.71 -17.58 -2.26
C PRO A 185 1.67 -18.30 -1.39
N GLU A 186 1.70 -18.08 -0.04
CA GLU A 186 0.81 -18.73 0.93
C GLU A 186 -0.65 -18.28 0.78
N VAL A 187 -0.90 -17.10 0.17
CA VAL A 187 -2.25 -16.63 -0.14
C VAL A 187 -2.73 -17.34 -1.40
N LEU A 188 -1.88 -17.37 -2.44
CA LEU A 188 -2.19 -18.05 -3.71
C LEU A 188 -2.54 -19.53 -3.53
N ASP A 189 -1.78 -20.28 -2.71
CA ASP A 189 -2.08 -21.70 -2.50
C ASP A 189 -2.98 -21.97 -1.26
N ASP A 190 -3.52 -20.90 -0.65
CA ASP A 190 -4.43 -20.90 0.51
C ASP A 190 -3.87 -21.64 1.77
N SER A 191 -2.54 -21.76 1.88
CA SER A 191 -1.88 -22.41 3.02
C SER A 191 -1.68 -21.43 4.19
N ILE A 192 -1.93 -20.12 3.96
CA ILE A 192 -1.78 -19.08 4.99
C ILE A 192 -2.55 -19.44 6.28
N ASN A 193 -1.87 -19.40 7.45
CA ASN A 193 -2.55 -19.67 8.71
C ASN A 193 -3.18 -18.35 9.17
N MET A 194 -4.48 -18.19 8.91
CA MET A 194 -5.22 -16.96 9.21
C MET A 194 -5.63 -16.80 10.68
N LYS A 195 -5.28 -17.76 11.54
CA LYS A 195 -5.51 -17.68 12.97
C LYS A 195 -4.24 -17.11 13.65
N HIS A 196 -3.23 -16.73 12.85
CA HIS A 196 -1.98 -16.13 13.30
C HIS A 196 -1.83 -14.81 12.53
N PHE A 197 -1.99 -13.68 13.24
CA PHE A 197 -1.91 -12.33 12.69
C PHE A 197 -0.58 -12.01 12.03
N GLU A 198 0.51 -12.58 12.53
CA GLU A 198 1.86 -12.41 11.95
C GLU A 198 1.90 -12.83 10.46
N SER A 199 1.02 -13.78 10.05
CA SER A 199 0.90 -14.25 8.65
C SER A 199 0.47 -13.11 7.71
N PHE A 200 -0.44 -12.24 8.16
CA PHE A 200 -0.89 -11.10 7.38
C PHE A 200 0.23 -10.08 7.23
N LYS A 201 1.04 -9.88 8.29
CA LYS A 201 2.15 -8.92 8.20
C LYS A 201 3.16 -9.46 7.17
N ARG A 202 3.49 -10.75 7.29
CA ARG A 202 4.44 -11.44 6.42
C ARG A 202 3.97 -11.38 4.96
N ALA A 203 2.65 -11.52 4.71
CA ALA A 203 2.09 -11.44 3.35
C ALA A 203 2.23 -10.01 2.79
N ASP A 204 2.10 -8.96 3.64
CA ASP A 204 2.29 -7.56 3.18
C ASP A 204 3.75 -7.33 2.74
N ILE A 205 4.71 -7.97 3.45
CA ILE A 205 6.17 -7.82 3.15
C ILE A 205 6.48 -8.27 1.75
N TYR A 206 5.93 -9.44 1.36
CA TYR A 206 6.11 -9.98 0.01
C TYR A 206 5.64 -8.93 -1.01
N ALA A 207 4.44 -8.34 -0.80
CA ALA A 207 3.91 -7.32 -1.71
C ALA A 207 4.79 -6.09 -1.75
N MET A 208 5.36 -5.68 -0.60
CA MET A 208 6.25 -4.53 -0.58
C MET A 208 7.48 -4.77 -1.43
N GLY A 209 8.03 -5.99 -1.39
CA GLY A 209 9.17 -6.38 -2.22
C GLY A 209 8.87 -6.22 -3.70
N LEU A 210 7.66 -6.64 -4.11
CA LEU A 210 7.19 -6.44 -5.51
C LEU A 210 7.16 -4.94 -5.85
N VAL A 211 6.66 -4.09 -4.92
CA VAL A 211 6.61 -2.64 -5.14
C VAL A 211 8.05 -2.10 -5.29
N PHE A 212 8.99 -2.56 -4.44
CA PHE A 212 10.40 -2.14 -4.49
C PHE A 212 11.00 -2.43 -5.84
N TRP A 213 10.62 -3.56 -6.42
CA TRP A 213 11.07 -3.96 -7.76
C TRP A 213 10.53 -2.97 -8.80
N GLU A 214 9.28 -2.52 -8.65
CA GLU A 214 8.72 -1.52 -9.58
C GLU A 214 9.50 -0.21 -9.56
N ILE A 215 9.87 0.26 -8.36
CA ILE A 215 10.63 1.50 -8.16
C ILE A 215 12.04 1.38 -8.78
N ALA A 216 12.79 0.31 -8.40
CA ALA A 216 14.18 0.07 -8.87
C ALA A 216 14.35 0.08 -10.38
N ARG A 217 13.38 -0.46 -11.13
CA ARG A 217 13.35 -0.47 -12.59
C ARG A 217 13.45 0.95 -13.15
N ARG A 218 12.85 1.91 -12.45
CA ARG A 218 12.78 3.30 -12.83
C ARG A 218 13.95 4.14 -12.31
N CYS A 219 14.89 3.51 -11.58
CA CYS A 219 16.07 4.23 -11.07
C CYS A 219 17.07 4.42 -12.22
N SER A 220 17.17 5.66 -12.71
CA SER A 220 18.05 6.01 -13.83
C SER A 220 19.44 6.43 -13.35
N ILE A 221 20.49 5.72 -13.82
CA ILE A 221 21.89 6.04 -13.48
C ILE A 221 22.66 6.22 -14.79
N GLY A 222 23.02 7.46 -15.10
CA GLY A 222 23.70 7.81 -16.35
C GLY A 222 22.76 7.68 -17.53
N GLY A 223 21.48 7.91 -17.28
CA GLY A 223 20.44 7.82 -18.30
C GLY A 223 20.02 6.40 -18.65
N ILE A 224 20.49 5.40 -17.87
CA ILE A 224 20.16 3.97 -18.06
C ILE A 224 19.15 3.53 -16.98
N HIS A 225 18.03 2.96 -17.42
CA HIS A 225 16.93 2.41 -16.62
C HIS A 225 16.09 1.46 -17.50
N GLU A 226 15.18 0.72 -16.87
CA GLU A 226 14.25 -0.18 -17.55
C GLU A 226 12.92 0.58 -17.74
N ASP A 227 12.05 0.13 -18.65
CA ASP A 227 10.73 0.77 -18.79
C ASP A 227 9.82 0.35 -17.62
N TYR A 228 8.71 1.09 -17.40
CA TYR A 228 7.79 0.73 -16.33
C TYR A 228 7.12 -0.61 -16.63
N GLN A 229 7.10 -1.52 -15.64
CA GLN A 229 6.38 -2.78 -15.71
C GLN A 229 5.80 -3.17 -14.34
N LEU A 230 4.66 -3.86 -14.37
CA LEU A 230 4.03 -4.44 -13.18
C LEU A 230 4.80 -5.71 -12.87
N PRO A 231 4.87 -6.17 -11.60
CA PRO A 231 5.57 -7.43 -11.32
C PRO A 231 4.88 -8.56 -12.07
N TYR A 232 5.67 -9.50 -12.62
CA TYR A 232 5.22 -10.68 -13.38
C TYR A 232 4.67 -10.34 -14.79
N TYR A 233 4.93 -9.11 -15.31
CA TYR A 233 4.54 -8.65 -16.64
C TYR A 233 4.96 -9.65 -17.74
N ASP A 234 6.12 -10.30 -17.55
CA ASP A 234 6.79 -11.26 -18.44
C ASP A 234 6.27 -12.70 -18.31
N LEU A 235 5.35 -12.98 -17.35
CA LEU A 235 4.97 -14.39 -17.07
C LEU A 235 3.48 -14.69 -16.98
N VAL A 236 2.66 -13.66 -16.78
CA VAL A 236 1.21 -13.84 -16.58
C VAL A 236 0.49 -12.83 -17.48
N PRO A 237 -0.80 -13.05 -17.83
CA PRO A 237 -1.49 -12.06 -18.66
C PRO A 237 -1.89 -10.86 -17.83
N SER A 238 -2.40 -9.81 -18.49
CA SER A 238 -2.98 -8.64 -17.83
C SER A 238 -4.23 -9.23 -17.17
N ASP A 239 -4.60 -8.71 -15.98
CA ASP A 239 -5.73 -9.22 -15.19
C ASP A 239 -5.56 -10.75 -14.92
N PRO A 240 -4.45 -11.18 -14.27
CA PRO A 240 -4.24 -12.63 -14.07
C PRO A 240 -5.18 -13.26 -13.05
N SER A 241 -5.47 -14.54 -13.25
CA SER A 241 -6.29 -15.28 -12.30
C SER A 241 -5.38 -15.80 -11.17
N VAL A 242 -6.00 -16.29 -10.08
CA VAL A 242 -5.28 -16.90 -8.95
C VAL A 242 -4.48 -18.11 -9.47
N GLU A 243 -5.09 -18.96 -10.33
CA GLU A 243 -4.44 -20.15 -10.89
C GLU A 243 -3.21 -19.83 -11.70
N GLU A 244 -3.29 -18.77 -12.53
CA GLU A 244 -2.14 -18.32 -13.35
C GLU A 244 -1.00 -17.84 -12.46
N MET A 245 -1.32 -17.05 -11.41
CA MET A 245 -0.32 -16.56 -10.45
C MET A 245 0.32 -17.71 -9.68
N ARG A 246 -0.52 -18.64 -9.21
CA ARG A 246 -0.10 -19.78 -8.39
C ARG A 246 0.91 -20.68 -9.16
N LYS A 247 0.66 -20.95 -10.45
CA LYS A 247 1.56 -21.77 -11.28
C LYS A 247 2.97 -21.18 -11.39
N VAL A 248 3.08 -19.86 -11.51
CA VAL A 248 4.35 -19.13 -11.62
C VAL A 248 5.06 -18.99 -10.28
N VAL A 249 4.35 -18.45 -9.30
CA VAL A 249 4.89 -18.09 -7.99
C VAL A 249 5.12 -19.30 -7.10
N CYS A 250 4.12 -20.19 -6.97
CA CYS A 250 4.21 -21.38 -6.10
C CYS A 250 4.86 -22.59 -6.75
N GLU A 251 4.45 -22.93 -7.99
CA GLU A 251 4.93 -24.14 -8.65
C GLU A 251 6.25 -23.96 -9.34
N GLN A 252 6.36 -22.97 -10.24
CA GLN A 252 7.61 -22.73 -10.96
C GLN A 252 8.60 -22.00 -10.09
N LYS A 253 8.08 -21.32 -9.03
CA LYS A 253 8.85 -20.60 -8.00
C LYS A 253 9.63 -19.44 -8.60
N LEU A 254 9.01 -18.73 -9.55
CA LEU A 254 9.67 -17.59 -10.17
C LEU A 254 9.28 -16.33 -9.44
N ARG A 255 10.17 -15.35 -9.51
CA ARG A 255 9.98 -14.05 -8.89
C ARG A 255 10.34 -13.03 -9.97
N PRO A 256 9.98 -11.74 -9.82
CA PRO A 256 10.40 -10.76 -10.81
C PRO A 256 11.93 -10.79 -11.01
N ASN A 257 12.36 -10.63 -12.26
CA ASN A 257 13.76 -10.67 -12.66
C ASN A 257 14.58 -9.51 -12.09
N ILE A 258 15.75 -9.82 -11.50
CA ILE A 258 16.65 -8.82 -10.96
C ILE A 258 17.75 -8.55 -12.01
N PRO A 259 17.67 -7.42 -12.75
CA PRO A 259 18.66 -7.15 -13.81
C PRO A 259 20.11 -7.12 -13.35
N ASN A 260 21.03 -7.42 -14.28
CA ASN A 260 22.48 -7.43 -14.05
C ASN A 260 23.00 -6.05 -13.64
N ARG A 261 22.46 -4.98 -14.26
CA ARG A 261 22.91 -3.62 -13.96
C ARG A 261 22.63 -3.19 -12.47
N TRP A 262 21.74 -3.88 -11.74
CA TRP A 262 21.46 -3.56 -10.32
C TRP A 262 22.60 -3.95 -9.39
N GLN A 263 23.50 -4.80 -9.86
CA GLN A 263 24.65 -5.22 -9.07
C GLN A 263 25.82 -4.22 -9.19
N SER A 264 25.74 -3.27 -10.15
CA SER A 264 26.76 -2.25 -10.41
C SER A 264 26.64 -1.02 -9.49
N CYS A 265 25.51 -0.86 -8.80
CA CYS A 265 25.27 0.26 -7.88
C CYS A 265 25.00 -0.26 -6.47
N GLU A 266 25.62 0.36 -5.44
CA GLU A 266 25.43 -0.02 -4.04
C GLU A 266 23.96 0.08 -3.59
N ALA A 267 23.27 1.19 -3.90
CA ALA A 267 21.86 1.37 -3.52
C ALA A 267 20.97 0.30 -4.21
N LEU A 268 21.22 0.04 -5.51
CA LEU A 268 20.50 -0.97 -6.27
C LEU A 268 20.80 -2.38 -5.75
N ARG A 269 22.07 -2.66 -5.31
CA ARG A 269 22.47 -3.93 -4.69
C ARG A 269 21.70 -4.14 -3.39
N VAL A 270 21.61 -3.08 -2.53
CA VAL A 270 20.91 -3.13 -1.24
C VAL A 270 19.42 -3.44 -1.52
N MET A 271 18.81 -2.70 -2.46
CA MET A 271 17.40 -2.89 -2.87
C MET A 271 17.15 -4.32 -3.36
N ALA A 272 18.05 -4.85 -4.24
CA ALA A 272 17.95 -6.22 -4.78
C ALA A 272 17.97 -7.28 -3.67
N LYS A 273 18.81 -7.08 -2.65
CA LYS A 273 18.90 -7.97 -1.49
C LYS A 273 17.60 -7.93 -0.66
N ILE A 274 17.05 -6.71 -0.42
CA ILE A 274 15.77 -6.58 0.33
C ILE A 274 14.68 -7.38 -0.39
N MET A 275 14.55 -7.18 -1.73
CA MET A 275 13.57 -7.86 -2.58
C MET A 275 13.62 -9.36 -2.43
N ARG A 276 14.83 -9.98 -2.57
CA ARG A 276 14.99 -11.44 -2.45
C ARG A 276 14.54 -11.87 -1.05
N GLU A 277 14.86 -11.06 -0.02
CA GLU A 277 14.52 -11.38 1.36
C GLU A 277 13.03 -11.08 1.72
N CYS A 278 12.25 -10.50 0.78
CA CYS A 278 10.80 -10.32 0.93
C CYS A 278 10.08 -11.47 0.19
N TRP A 279 10.78 -12.15 -0.71
CA TRP A 279 10.19 -13.10 -1.65
C TRP A 279 10.26 -14.58 -1.32
N TYR A 280 10.78 -14.95 -0.14
CA TYR A 280 10.76 -16.36 0.28
C TYR A 280 9.31 -16.83 0.30
N ALA A 281 9.06 -18.10 -0.10
CA ALA A 281 7.73 -18.72 -0.12
C ALA A 281 7.13 -18.81 1.28
N ASN A 282 8.00 -19.03 2.26
CA ASN A 282 7.61 -19.13 3.66
C ASN A 282 7.73 -17.75 4.28
N GLY A 283 6.59 -17.21 4.68
CA GLY A 283 6.47 -15.91 5.34
C GLY A 283 7.39 -15.74 6.54
N ALA A 284 7.57 -16.81 7.37
CA ALA A 284 8.43 -16.74 8.57
C ALA A 284 9.90 -16.45 8.23
N ALA A 285 10.32 -16.71 6.99
CA ALA A 285 11.68 -16.39 6.54
C ALA A 285 11.87 -14.92 6.12
N ARG A 286 10.78 -14.18 5.84
CA ARG A 286 10.89 -12.80 5.34
C ARG A 286 11.38 -11.74 6.34
N LEU A 287 11.98 -10.66 5.82
CA LEU A 287 12.41 -9.51 6.63
C LEU A 287 11.15 -8.85 7.23
N THR A 288 11.29 -8.10 8.32
CA THR A 288 10.16 -7.35 8.92
C THR A 288 10.22 -5.98 8.29
N ALA A 289 9.09 -5.22 8.33
CA ALA A 289 9.04 -3.85 7.81
C ALA A 289 10.01 -2.96 8.63
N LEU A 290 10.09 -3.19 9.97
CA LEU A 290 11.01 -2.43 10.82
C LEU A 290 12.46 -2.62 10.40
N ARG A 291 12.86 -3.87 10.11
CA ARG A 291 14.22 -4.17 9.67
C ARG A 291 14.54 -3.53 8.30
N ILE A 292 13.57 -3.54 7.38
CA ILE A 292 13.74 -2.91 6.05
C ILE A 292 13.94 -1.39 6.19
N LYS A 293 13.13 -0.75 7.07
CA LYS A 293 13.23 0.69 7.33
C LYS A 293 14.64 1.07 7.86
N LYS A 294 15.14 0.26 8.80
CA LYS A 294 16.47 0.43 9.40
C LYS A 294 17.56 0.37 8.35
N THR A 295 17.48 -0.62 7.45
CA THR A 295 18.44 -0.80 6.35
C THR A 295 18.42 0.39 5.41
N LEU A 296 17.23 0.83 4.97
CA LEU A 296 17.11 1.97 4.06
C LEU A 296 17.45 3.30 4.72
N SER A 297 17.27 3.42 6.06
CA SER A 297 17.64 4.62 6.83
C SER A 297 19.16 4.77 6.82
N GLN A 298 19.89 3.67 7.05
CA GLN A 298 21.37 3.64 7.02
C GLN A 298 21.83 4.00 5.62
N LEU A 299 21.20 3.42 4.58
CA LEU A 299 21.53 3.70 3.18
C LEU A 299 21.24 5.17 2.77
N SER A 300 20.13 5.78 3.25
CA SER A 300 19.85 7.21 2.93
C SER A 300 20.86 8.12 3.63
N GLN A 301 21.34 7.68 4.81
CA GLN A 301 22.34 8.39 5.60
C GLN A 301 23.69 8.34 4.88
N GLN A 302 24.10 7.13 4.45
CA GLN A 302 25.34 6.86 3.70
C GLN A 302 25.34 7.55 2.34
N GLU A 303 24.13 7.67 1.72
CA GLU A 303 23.84 8.31 0.43
C GLU A 303 24.49 7.58 -0.75
#